data_5OWN
#
_entry.id   5OWN
#
_cell.length_a   95.230
_cell.length_b   206.580
_cell.length_c   82.740
_cell.angle_alpha   90.00
_cell.angle_beta   90.00
_cell.angle_gamma   90.00
#
_symmetry.space_group_name_H-M   'C 2 2 21'
#
loop_
_entity.id
_entity.type
_entity.pdbx_description
1 polymer 'Perforin-like protein 1'
2 non-polymer 2-acetamido-2-deoxy-beta-D-glucopyranose
#
_entity_poly.entity_id   1
_entity_poly.type   'polypeptide(L)'
_entity_poly.pdbx_seq_one_letter_code
;ETGTVPAINYLGAGYDHVRGNPVGDPSSMGDPGIRPPVLRFTYAQNEDGVSNDLTVLQPLGGYVRQYVACRQSETISELS
NLSDYQNELSVDASLQGGDPIGLNSFSASTGYRDFAKEVSKKDTRTYMLKNYCMRYEAGVAQSNHFKWNVTLAFAAGVSQ
LPDVFDAHNPECACSAEQWRQDQNAEACTKTNVPIWISFIEQFGTHFLVRLFAGGKMTYQVTAKRSEVEKMRNMGIDVKT
QLKMQLGGVSGGAGQGTSSKKQQSSSEYQMNVQKETLVIGGRPPGQVSDPAALAAWADTVEELPMPVKFEVQPLYHLLPV
EKQEAFKQAVTFYSKAVGLTPQDLSALGTKHHHHHH
;
_entity_poly.pdbx_strand_id   A,B
#
loop_
_chem_comp.id
_chem_comp.type
_chem_comp.name
_chem_comp.formula
NAG D-saccharide, beta linking 2-acetamido-2-deoxy-beta-D-glucopyranose 'C8 H15 N O6'
#
# COMPACT_ATOMS: atom_id res chain seq x y z
N ALA A 7 5.30 -10.24 6.01
CA ALA A 7 5.37 -8.79 5.90
C ALA A 7 4.04 -8.15 6.30
N ILE A 8 3.00 -8.43 5.51
CA ILE A 8 1.65 -7.94 5.78
C ILE A 8 0.73 -9.14 5.76
N ASN A 9 -0.12 -9.26 6.78
CA ASN A 9 -0.97 -10.44 6.93
C ASN A 9 -2.16 -10.36 5.99
N TYR A 10 -2.24 -11.31 5.05
CA TYR A 10 -3.41 -11.48 4.20
C TYR A 10 -4.12 -12.79 4.43
N LEU A 11 -3.55 -13.70 5.21
CA LEU A 11 -4.19 -14.98 5.51
C LEU A 11 -5.42 -14.76 6.38
N GLY A 12 -6.52 -15.42 6.01
CA GLY A 12 -7.76 -15.27 6.76
C GLY A 12 -8.50 -13.99 6.50
N ALA A 13 -8.10 -13.21 5.50
CA ALA A 13 -8.82 -11.99 5.16
C ALA A 13 -10.13 -12.32 4.46
N GLY A 14 -11.11 -11.43 4.62
CA GLY A 14 -12.38 -11.61 3.96
C GLY A 14 -12.27 -11.40 2.46
N TYR A 15 -13.20 -12.00 1.74
CA TYR A 15 -13.20 -11.90 0.28
C TYR A 15 -14.63 -11.77 -0.23
N ASP A 16 -14.86 -10.76 -1.07
CA ASP A 16 -16.15 -10.53 -1.70
C ASP A 16 -16.05 -11.09 -3.13
N HIS A 17 -16.50 -12.34 -3.30
CA HIS A 17 -16.37 -13.00 -4.59
C HIS A 17 -17.23 -12.35 -5.67
N VAL A 18 -18.24 -11.56 -5.29
CA VAL A 18 -19.03 -10.83 -6.27
C VAL A 18 -18.25 -9.63 -6.80
N ARG A 19 -17.62 -8.89 -5.89
CA ARG A 19 -16.83 -7.71 -6.27
C ARG A 19 -15.36 -8.03 -6.45
N GLY A 20 -14.96 -9.28 -6.25
CA GLY A 20 -13.58 -9.65 -6.42
C GLY A 20 -13.12 -9.53 -7.86
N ASN A 21 -11.81 -9.46 -8.03
CA ASN A 21 -11.18 -9.35 -9.35
C ASN A 21 -9.71 -9.70 -9.22
N PRO A 22 -9.35 -11.00 -9.26
CA PRO A 22 -7.98 -11.40 -8.94
C PRO A 22 -6.93 -11.00 -9.96
N VAL A 23 -7.32 -10.25 -10.99
CA VAL A 23 -6.36 -9.72 -11.95
C VAL A 23 -6.07 -8.24 -11.73
N GLY A 24 -6.92 -7.53 -10.99
CA GLY A 24 -6.64 -6.15 -10.65
C GLY A 24 -7.81 -5.20 -10.79
N ASP A 25 -7.53 -3.91 -10.56
CA ASP A 25 -8.51 -2.84 -10.68
C ASP A 25 -7.73 -1.54 -10.78
N PRO A 26 -8.14 -0.60 -11.64
CA PRO A 26 -7.33 0.61 -11.83
C PRO A 26 -7.19 1.46 -10.57
N SER A 27 -8.10 1.33 -9.61
CA SER A 27 -8.07 2.13 -8.40
C SER A 27 -7.53 1.38 -7.20
N SER A 28 -7.23 0.10 -7.33
CA SER A 28 -6.75 -0.70 -6.21
C SER A 28 -5.49 -1.44 -6.63
N MET A 29 -4.54 -1.57 -5.69
CA MET A 29 -3.32 -2.32 -5.94
C MET A 29 -3.48 -3.81 -5.66
N GLY A 30 -4.66 -4.25 -5.23
CA GLY A 30 -4.93 -5.65 -5.01
C GLY A 30 -6.31 -6.01 -5.52
N ASP A 31 -6.65 -7.29 -5.36
CA ASP A 31 -7.99 -7.76 -5.66
C ASP A 31 -9.01 -6.92 -4.92
N PRO A 32 -9.94 -6.25 -5.61
CA PRO A 32 -10.92 -5.40 -4.90
C PRO A 32 -11.87 -6.19 -4.02
N GLY A 33 -11.90 -7.51 -4.11
CA GLY A 33 -12.71 -8.31 -3.21
C GLY A 33 -12.08 -8.56 -1.86
N ILE A 34 -10.78 -8.30 -1.72
CA ILE A 34 -10.09 -8.55 -0.46
C ILE A 34 -10.66 -7.65 0.62
N ARG A 35 -11.00 -8.25 1.77
CA ARG A 35 -11.59 -7.54 2.90
C ARG A 35 -10.63 -7.65 4.09
N PRO A 36 -10.85 -6.91 5.17
CA PRO A 36 -9.93 -6.98 6.31
C PRO A 36 -9.83 -8.40 6.86
N PRO A 37 -8.78 -8.69 7.63
CA PRO A 37 -8.61 -10.06 8.14
C PRO A 37 -9.75 -10.46 9.06
N VAL A 38 -10.16 -11.72 8.96
CA VAL A 38 -11.20 -12.28 9.79
C VAL A 38 -10.65 -13.18 10.89
N LEU A 39 -9.58 -13.91 10.59
CA LEU A 39 -8.96 -14.79 11.57
C LEU A 39 -7.88 -14.08 12.37
N ARG A 40 -7.79 -14.42 13.65
CA ARG A 40 -6.81 -13.87 14.58
C ARG A 40 -5.68 -14.89 14.72
N PHE A 41 -4.44 -14.40 14.71
CA PHE A 41 -3.30 -15.29 14.71
C PHE A 41 -2.24 -14.83 15.71
N THR A 42 -1.27 -15.71 15.95
CA THR A 42 -0.18 -15.47 16.87
C THR A 42 0.97 -14.74 16.18
N VAL A 56 9.19 -16.70 7.62
CA VAL A 56 9.96 -16.12 8.70
C VAL A 56 9.58 -16.75 10.03
N LEU A 57 8.55 -16.19 10.67
CA LEU A 57 8.01 -16.70 11.92
C LEU A 57 6.65 -17.33 11.63
N GLN A 58 6.52 -18.62 11.93
CA GLN A 58 5.30 -19.34 11.61
C GLN A 58 4.22 -19.02 12.63
N PRO A 59 2.98 -18.76 12.18
CA PRO A 59 1.88 -18.59 13.13
C PRO A 59 1.45 -19.93 13.70
N LEU A 60 0.61 -19.87 14.74
CA LEU A 60 0.06 -21.08 15.32
C LEU A 60 -1.14 -21.55 14.50
N GLY A 61 -1.02 -22.74 13.91
CA GLY A 61 -2.09 -23.36 13.16
C GLY A 61 -1.97 -23.28 11.66
N GLY A 62 -1.04 -22.47 11.15
CA GLY A 62 -0.85 -22.29 9.74
C GLY A 62 0.62 -22.50 9.37
N TYR A 63 1.01 -21.90 8.25
CA TYR A 63 2.38 -21.95 7.77
C TYR A 63 2.61 -20.81 6.78
N VAL A 64 3.85 -20.34 6.74
CA VAL A 64 4.30 -19.31 5.79
C VAL A 64 5.68 -19.72 5.29
N ARG A 65 5.82 -19.87 3.98
CA ARG A 65 7.08 -20.23 3.34
C ARG A 65 7.53 -19.11 2.42
N GLN A 66 8.81 -18.76 2.49
CA GLN A 66 9.40 -17.75 1.63
C GLN A 66 10.11 -18.42 0.46
N TYR A 67 10.24 -17.68 -0.63
CA TYR A 67 10.83 -18.19 -1.86
C TYR A 67 12.24 -17.64 -2.01
N VAL A 68 13.10 -18.42 -2.67
CA VAL A 68 14.49 -17.98 -2.82
C VAL A 68 14.58 -16.86 -3.86
N ALA A 69 13.63 -16.77 -4.78
CA ALA A 69 13.61 -15.70 -5.77
C ALA A 69 12.17 -15.24 -5.95
N CYS A 70 11.95 -14.38 -6.96
CA CYS A 70 10.63 -14.09 -7.51
C CYS A 70 10.27 -15.21 -8.46
N ARG A 71 9.57 -16.20 -7.93
CA ARG A 71 9.14 -17.33 -8.75
C ARG A 71 8.25 -16.82 -9.87
N GLN A 72 8.69 -16.98 -11.11
CA GLN A 72 8.02 -16.39 -12.26
C GLN A 72 7.30 -17.46 -13.06
N SER A 73 6.13 -17.10 -13.59
CA SER A 73 5.35 -18.01 -14.41
C SER A 73 4.43 -17.22 -15.33
N GLU A 74 4.36 -17.62 -16.60
CA GLU A 74 3.58 -16.91 -17.60
C GLU A 74 2.52 -17.82 -18.19
N THR A 75 1.32 -17.26 -18.37
CA THR A 75 0.20 -17.98 -18.97
C THR A 75 -0.53 -17.07 -19.95
N ILE A 76 -0.85 -17.60 -21.14
CA ILE A 76 -1.57 -16.83 -22.16
C ILE A 76 -2.81 -17.59 -22.58
N SER A 77 -3.92 -16.87 -22.75
CA SER A 77 -5.18 -17.49 -23.13
C SER A 77 -6.06 -16.52 -23.90
N GLU A 78 -6.71 -17.00 -24.95
CA GLU A 78 -7.68 -16.19 -25.68
C GLU A 78 -9.01 -16.21 -24.97
N LEU A 79 -9.57 -15.02 -24.74
CA LEU A 79 -10.84 -14.85 -24.02
C LEU A 79 -11.94 -14.57 -25.05
N SER A 80 -12.62 -15.63 -25.47
CA SER A 80 -13.64 -15.50 -26.51
C SER A 80 -14.94 -14.90 -25.97
N ASN A 81 -15.22 -15.08 -24.68
CA ASN A 81 -16.47 -14.61 -24.10
C ASN A 81 -16.26 -14.37 -22.61
N LEU A 82 -17.32 -13.93 -21.94
CA LEU A 82 -17.24 -13.67 -20.51
C LEU A 82 -16.97 -14.94 -19.70
N SER A 83 -17.33 -16.11 -20.23
CA SER A 83 -17.05 -17.34 -19.51
C SER A 83 -15.55 -17.62 -19.47
N ASP A 84 -14.85 -17.39 -20.58
CA ASP A 84 -13.41 -17.56 -20.59
C ASP A 84 -12.71 -16.57 -19.66
N TYR A 85 -13.18 -15.32 -19.66
CA TYR A 85 -12.65 -14.31 -18.73
C TYR A 85 -12.84 -14.76 -17.28
N GLN A 86 -14.06 -15.16 -16.94
CA GLN A 86 -14.35 -15.58 -15.57
C GLN A 86 -13.57 -16.84 -15.18
N ASN A 87 -13.30 -17.72 -16.14
CA ASN A 87 -12.53 -18.93 -15.85
C ASN A 87 -11.06 -18.59 -15.62
N GLU A 88 -10.49 -17.75 -16.47
CA GLU A 88 -9.11 -17.31 -16.26
C GLU A 88 -8.97 -16.59 -14.92
N LEU A 89 -9.99 -15.81 -14.53
CA LEU A 89 -9.97 -15.20 -13.21
C LEU A 89 -10.09 -16.24 -12.11
N SER A 90 -10.86 -17.31 -12.35
CA SER A 90 -11.08 -18.32 -11.34
C SER A 90 -9.81 -19.09 -10.97
N VAL A 91 -8.80 -19.07 -11.84
CA VAL A 91 -7.55 -19.75 -11.52
C VAL A 91 -6.84 -19.04 -10.36
N ASP A 92 -6.98 -17.73 -10.27
CA ASP A 92 -6.33 -16.95 -9.22
C ASP A 92 -7.24 -16.69 -8.03
N ALA A 93 -8.47 -17.18 -8.07
CA ALA A 93 -9.41 -17.02 -6.96
C ALA A 93 -10.47 -18.11 -7.01
N SER A 94 -10.13 -19.29 -6.53
CA SER A 94 -11.03 -20.44 -6.51
C SER A 94 -11.23 -20.91 -5.09
N LEU A 95 -12.13 -21.89 -4.94
CA LEU A 95 -12.30 -22.53 -3.64
C LEU A 95 -11.13 -23.46 -3.37
N GLN A 96 -11.00 -23.88 -2.12
CA GLN A 96 -9.91 -24.78 -1.74
C GLN A 96 -10.06 -26.11 -2.49
N GLY A 97 -9.10 -26.40 -3.35
CA GLY A 97 -9.16 -27.57 -4.20
C GLY A 97 -9.27 -27.30 -5.69
N GLY A 98 -9.12 -26.05 -6.13
CA GLY A 98 -9.17 -25.70 -7.53
C GLY A 98 -10.56 -25.45 -8.10
N ASP A 99 -11.61 -25.90 -7.42
CA ASP A 99 -12.95 -25.71 -7.96
C ASP A 99 -13.34 -24.25 -7.90
N PRO A 100 -14.03 -23.73 -8.92
CA PRO A 100 -14.38 -22.31 -8.93
C PRO A 100 -15.44 -21.99 -7.89
N ILE A 101 -15.45 -20.72 -7.47
CA ILE A 101 -16.44 -20.26 -6.49
C ILE A 101 -17.82 -20.25 -7.10
N GLY A 102 -17.93 -19.82 -8.36
CA GLY A 102 -19.22 -19.70 -9.01
C GLY A 102 -20.04 -18.56 -8.42
N LEU A 103 -21.36 -18.66 -8.60
CA LEU A 103 -22.32 -17.71 -8.05
C LEU A 103 -22.06 -16.30 -8.56
N ASN A 104 -21.91 -16.18 -9.87
CA ASN A 104 -21.63 -14.90 -10.54
C ASN A 104 -20.39 -14.23 -9.95
N SER A 105 -19.29 -14.98 -10.00
CA SER A 105 -18.02 -14.49 -9.46
C SER A 105 -17.53 -13.28 -10.26
N PHE A 106 -17.01 -12.29 -9.54
CA PHE A 106 -16.38 -11.10 -10.11
C PHE A 106 -17.35 -10.25 -10.94
N SER A 107 -18.62 -10.64 -11.00
CA SER A 107 -19.58 -10.00 -11.88
C SER A 107 -19.87 -8.55 -11.53
N ALA A 108 -19.43 -8.08 -10.36
CA ALA A 108 -19.62 -6.68 -9.97
C ALA A 108 -18.34 -5.86 -10.11
N SER A 109 -17.20 -6.49 -10.40
CA SER A 109 -15.95 -5.77 -10.49
C SER A 109 -15.90 -4.93 -11.77
N THR A 110 -15.14 -3.83 -11.70
CA THR A 110 -15.03 -2.93 -12.84
C THR A 110 -14.39 -3.62 -14.04
N GLY A 111 -13.35 -4.40 -13.81
CA GLY A 111 -12.67 -5.13 -14.86
C GLY A 111 -13.55 -6.16 -15.55
N TYR A 112 -14.67 -6.53 -14.94
CA TYR A 112 -15.63 -7.46 -15.52
C TYR A 112 -16.57 -6.75 -16.49
N ARG A 113 -17.11 -5.60 -16.09
CA ARG A 113 -17.94 -4.81 -17.00
C ARG A 113 -17.13 -4.24 -18.15
N ASP A 114 -15.89 -3.82 -17.90
CA ASP A 114 -15.05 -3.33 -18.99
C ASP A 114 -14.82 -4.41 -20.04
N PHE A 115 -14.54 -5.64 -19.59
CA PHE A 115 -14.35 -6.71 -20.55
C PHE A 115 -15.66 -7.09 -21.24
N ALA A 116 -16.79 -6.99 -20.53
CA ALA A 116 -18.08 -7.22 -21.18
C ALA A 116 -18.31 -6.23 -22.31
N LYS A 117 -18.01 -4.95 -22.06
CA LYS A 117 -18.14 -3.94 -23.11
C LYS A 117 -17.21 -4.24 -24.27
N GLU A 118 -15.95 -4.57 -23.98
CA GLU A 118 -14.99 -4.78 -25.06
C GLU A 118 -15.30 -6.04 -25.88
N VAL A 119 -15.83 -7.08 -25.24
CA VAL A 119 -16.16 -8.32 -25.94
C VAL A 119 -17.51 -8.25 -26.65
N SER A 120 -18.42 -7.36 -26.23
CA SER A 120 -19.70 -7.23 -26.93
C SER A 120 -19.52 -6.73 -28.36
N LYS A 121 -18.41 -6.07 -28.66
CA LYS A 121 -18.10 -5.64 -30.02
C LYS A 121 -18.09 -6.83 -30.97
N LYS A 122 -17.44 -7.92 -30.57
CA LYS A 122 -17.51 -9.20 -31.27
C LYS A 122 -16.89 -9.17 -32.67
N ASP A 123 -16.31 -8.05 -33.05
CA ASP A 123 -15.50 -7.98 -34.26
C ASP A 123 -14.00 -8.06 -33.94
N THR A 124 -13.65 -8.36 -32.69
CA THR A 124 -12.27 -8.34 -32.23
C THR A 124 -11.98 -9.55 -31.35
N ARG A 125 -10.73 -9.97 -31.35
CA ARG A 125 -10.28 -11.04 -30.48
C ARG A 125 -9.47 -10.44 -29.33
N THR A 126 -9.74 -10.90 -28.11
CA THR A 126 -9.02 -10.45 -26.93
C THR A 126 -8.23 -11.62 -26.35
N TYR A 127 -6.96 -11.37 -26.06
CA TYR A 127 -6.09 -12.32 -25.37
C TYR A 127 -5.72 -11.76 -24.01
N MET A 128 -5.29 -12.65 -23.12
CA MET A 128 -4.87 -12.24 -21.79
C MET A 128 -3.58 -12.97 -21.46
N LEU A 129 -2.55 -12.20 -21.12
CA LEU A 129 -1.26 -12.72 -20.70
C LEU A 129 -1.05 -12.40 -19.22
N LYS A 130 -0.47 -13.35 -18.49
CA LYS A 130 -0.26 -13.22 -17.05
C LYS A 130 1.20 -13.54 -16.74
N ASN A 131 1.88 -12.57 -16.11
CA ASN A 131 3.23 -12.76 -15.57
C ASN A 131 3.13 -12.73 -14.04
N TYR A 132 3.35 -13.89 -13.43
CA TYR A 132 3.33 -14.08 -11.98
C TYR A 132 4.75 -13.97 -11.45
N CYS A 133 4.92 -13.19 -10.37
CA CYS A 133 6.19 -12.96 -9.69
C CYS A 133 5.93 -13.22 -8.20
N MET A 134 5.79 -14.49 -7.84
CA MET A 134 5.35 -14.89 -6.51
C MET A 134 6.56 -14.97 -5.58
N ARG A 135 6.42 -14.39 -4.38
CA ARG A 135 7.53 -14.31 -3.44
C ARG A 135 7.33 -15.14 -2.19
N TYR A 136 6.11 -15.31 -1.70
CA TYR A 136 5.91 -16.20 -0.56
C TYR A 136 4.54 -16.86 -0.66
N GLU A 137 4.37 -17.94 0.10
CA GLU A 137 3.16 -18.73 0.14
C GLU A 137 2.70 -18.88 1.58
N ALA A 138 1.40 -18.75 1.81
CA ALA A 138 0.83 -18.86 3.14
C ALA A 138 -0.38 -19.77 3.11
N GLY A 139 -0.61 -20.49 4.21
CA GLY A 139 -1.75 -21.39 4.25
C GLY A 139 -2.09 -21.82 5.66
N VAL A 140 -3.24 -22.50 5.77
CA VAL A 140 -3.77 -22.97 7.03
C VAL A 140 -4.00 -24.48 6.97
N ALA A 141 -3.97 -25.11 8.15
CA ALA A 141 -4.28 -26.51 8.34
C ALA A 141 -5.75 -26.65 8.72
N GLN A 142 -6.18 -27.88 8.97
CA GLN A 142 -7.57 -28.13 9.37
C GLN A 142 -7.86 -27.50 10.73
N LYS A 147 -12.26 -24.29 13.13
CA LYS A 147 -11.65 -24.46 14.45
C LYS A 147 -10.57 -23.40 14.69
N TRP A 148 -10.93 -22.13 14.46
CA TRP A 148 -9.98 -21.03 14.51
C TRP A 148 -10.54 -19.86 15.32
N ASN A 149 -9.62 -19.08 15.89
CA ASN A 149 -9.98 -17.81 16.50
C ASN A 149 -10.37 -16.83 15.40
N VAL A 150 -11.30 -15.94 15.73
CA VAL A 150 -11.72 -14.89 14.81
C VAL A 150 -11.36 -13.56 15.46
N THR A 151 -11.29 -12.52 14.63
CA THR A 151 -10.94 -11.21 15.15
C THR A 151 -12.03 -10.68 16.06
N LEU A 152 -11.71 -9.59 16.76
CA LEU A 152 -12.67 -8.99 17.68
C LEU A 152 -13.88 -8.45 16.94
N ALA A 153 -13.64 -7.64 15.89
CA ALA A 153 -14.74 -7.03 15.16
C ALA A 153 -15.59 -8.07 14.44
N PHE A 154 -15.00 -9.19 14.01
CA PHE A 154 -15.76 -10.20 13.30
C PHE A 154 -16.81 -10.83 14.22
N ALA A 155 -16.39 -11.33 15.37
CA ALA A 155 -17.35 -11.87 16.34
C ALA A 155 -18.32 -10.80 16.83
N ALA A 156 -17.84 -9.55 16.96
CA ALA A 156 -18.71 -8.47 17.40
C ALA A 156 -19.80 -8.16 16.38
N GLY A 157 -19.51 -8.40 15.10
CA GLY A 157 -20.50 -8.19 14.07
C GLY A 157 -21.40 -9.40 13.89
N VAL A 158 -20.86 -10.59 14.13
CA VAL A 158 -21.68 -11.80 14.08
C VAL A 158 -22.71 -11.79 15.21
N SER A 159 -22.32 -11.26 16.38
CA SER A 159 -23.26 -11.17 17.50
C SER A 159 -24.49 -10.34 17.13
N GLN A 160 -24.33 -9.38 16.22
CA GLN A 160 -25.45 -8.57 15.76
C GLN A 160 -26.30 -9.25 14.70
N LEU A 161 -25.89 -10.43 14.23
CA LEU A 161 -26.62 -11.08 13.15
C LEU A 161 -27.79 -11.89 13.69
N PRO A 162 -28.94 -11.87 13.01
CA PRO A 162 -30.05 -12.74 13.40
C PRO A 162 -29.80 -14.19 13.03
N ASP A 163 -30.75 -15.06 13.34
CA ASP A 163 -30.69 -16.46 12.94
C ASP A 163 -31.48 -16.72 11.66
N VAL A 164 -32.18 -15.71 11.15
CA VAL A 164 -33.13 -15.88 10.05
C VAL A 164 -32.87 -14.80 9.02
N PHE A 165 -32.75 -15.20 7.75
CA PHE A 165 -32.64 -14.30 6.62
C PHE A 165 -34.03 -14.11 6.03
N ASP A 166 -34.51 -12.86 5.97
CA ASP A 166 -35.88 -12.62 5.56
C ASP A 166 -36.10 -12.95 4.10
N ALA A 167 -35.23 -12.47 3.21
CA ALA A 167 -35.47 -12.61 1.78
C ALA A 167 -35.45 -14.06 1.29
N HIS A 168 -35.16 -15.04 2.15
CA HIS A 168 -35.38 -16.43 1.77
C HIS A 168 -36.86 -16.70 1.53
N ASN A 169 -37.73 -16.00 2.23
CA ASN A 169 -39.15 -16.01 1.94
C ASN A 169 -39.39 -15.34 0.60
N PRO A 170 -39.89 -16.04 -0.41
CA PRO A 170 -40.01 -15.39 -1.73
C PRO A 170 -41.08 -14.32 -1.75
N GLU A 171 -42.15 -14.46 -0.99
CA GLU A 171 -43.00 -13.32 -0.70
C GLU A 171 -42.25 -12.45 0.29
N CYS A 172 -41.71 -11.33 -0.18
CA CYS A 172 -40.92 -10.48 0.70
C CYS A 172 -40.83 -9.09 0.09
N ALA A 173 -41.04 -8.07 0.93
CA ALA A 173 -40.97 -6.70 0.44
C ALA A 173 -39.60 -6.41 -0.16
N CYS A 174 -38.54 -6.91 0.46
CA CYS A 174 -37.18 -6.72 -0.05
C CYS A 174 -36.79 -7.92 -0.92
N SER A 175 -36.59 -7.66 -2.21
CA SER A 175 -36.13 -8.65 -3.17
C SER A 175 -34.80 -8.20 -3.76
N ALA A 176 -34.20 -9.08 -4.56
CA ALA A 176 -32.93 -8.74 -5.20
C ALA A 176 -33.08 -7.51 -6.09
N GLU A 177 -34.11 -7.51 -6.94
CA GLU A 177 -34.34 -6.36 -7.80
C GLU A 177 -34.76 -5.14 -6.99
N GLN A 178 -35.58 -5.35 -5.96
CA GLN A 178 -35.97 -4.24 -5.09
C GLN A 178 -34.76 -3.67 -4.36
N TRP A 179 -33.89 -4.54 -3.84
CA TRP A 179 -32.70 -4.05 -3.15
C TRP A 179 -31.77 -3.31 -4.10
N ARG A 180 -31.61 -3.80 -5.33
CA ARG A 180 -30.72 -3.13 -6.26
C ARG A 180 -31.29 -1.78 -6.69
N GLN A 181 -32.61 -1.70 -6.91
CA GLN A 181 -33.23 -0.43 -7.29
C GLN A 181 -33.12 0.58 -6.16
N ASP A 182 -33.77 0.32 -5.03
CA ASP A 182 -33.67 1.17 -3.85
C ASP A 182 -33.45 0.29 -2.63
N GLN A 183 -32.24 0.33 -2.08
CA GLN A 183 -31.95 -0.39 -0.85
C GLN A 183 -32.40 0.39 0.38
N ASN A 184 -32.55 1.72 0.27
CA ASN A 184 -33.06 2.54 1.35
C ASN A 184 -34.57 2.64 1.36
N ALA A 185 -35.25 1.88 0.49
CA ALA A 185 -36.69 1.86 0.48
C ALA A 185 -37.23 1.25 1.77
N GLU A 186 -38.43 1.68 2.17
CA GLU A 186 -39.02 1.19 3.40
C GLU A 186 -39.21 -0.32 3.35
N ALA A 187 -39.47 -0.86 2.15
CA ALA A 187 -39.70 -2.29 1.98
C ALA A 187 -38.52 -3.10 2.49
N CYS A 188 -37.29 -2.64 2.21
CA CYS A 188 -36.11 -3.37 2.67
C CYS A 188 -35.74 -2.99 4.10
N THR A 189 -35.92 -1.73 4.48
CA THR A 189 -35.55 -1.31 5.83
C THR A 189 -36.37 -2.04 6.88
N LYS A 190 -37.61 -2.42 6.54
CA LYS A 190 -38.39 -3.20 7.50
C LYS A 190 -37.76 -4.58 7.74
N THR A 191 -37.23 -5.21 6.69
CA THR A 191 -36.62 -6.52 6.82
C THR A 191 -35.24 -6.42 7.47
N ASN A 192 -34.66 -7.58 7.81
CA ASN A 192 -33.31 -7.60 8.34
C ASN A 192 -32.25 -7.62 7.25
N VAL A 193 -32.65 -7.73 5.98
CA VAL A 193 -31.67 -7.87 4.89
C VAL A 193 -30.59 -6.79 4.94
N PRO A 194 -30.91 -5.49 5.03
CA PRO A 194 -29.83 -4.47 5.07
C PRO A 194 -28.79 -4.75 6.14
N ILE A 195 -29.20 -5.32 7.28
CA ILE A 195 -28.22 -5.73 8.29
C ILE A 195 -27.22 -6.72 7.68
N TRP A 196 -27.73 -7.86 7.21
CA TRP A 196 -26.88 -8.89 6.61
C TRP A 196 -25.95 -8.29 5.56
N ILE A 197 -26.51 -7.54 4.60
CA ILE A 197 -25.71 -6.96 3.54
C ILE A 197 -24.57 -6.14 4.12
N SER A 198 -24.88 -5.30 5.11
CA SER A 198 -23.84 -4.51 5.77
C SER A 198 -22.69 -5.42 6.21
N PHE A 199 -23.02 -6.47 6.95
CA PHE A 199 -22.02 -7.45 7.37
C PHE A 199 -21.19 -7.90 6.18
N ILE A 200 -21.87 -8.36 5.12
CA ILE A 200 -21.15 -8.81 3.93
C ILE A 200 -20.33 -7.67 3.36
N GLU A 201 -20.96 -6.49 3.21
CA GLU A 201 -20.25 -5.34 2.66
C GLU A 201 -19.02 -5.00 3.49
N GLN A 202 -19.04 -5.35 4.77
CA GLN A 202 -17.87 -5.11 5.62
C GLN A 202 -16.86 -6.25 5.53
N PHE A 203 -17.34 -7.49 5.44
CA PHE A 203 -16.47 -8.64 5.61
C PHE A 203 -16.39 -9.57 4.40
N GLY A 204 -17.25 -9.40 3.41
CA GLY A 204 -17.23 -10.26 2.23
C GLY A 204 -18.05 -11.52 2.42
N THR A 205 -17.86 -12.44 1.46
CA THR A 205 -18.57 -13.71 1.46
C THR A 205 -17.70 -14.91 1.76
N HIS A 206 -16.39 -14.81 1.52
CA HIS A 206 -15.47 -15.91 1.77
C HIS A 206 -14.23 -15.37 2.49
N PHE A 207 -13.35 -16.29 2.87
CA PHE A 207 -12.08 -15.91 3.47
C PHE A 207 -10.97 -16.77 2.89
N LEU A 208 -9.78 -16.20 2.81
CA LEU A 208 -8.64 -16.86 2.16
C LEU A 208 -8.03 -17.88 3.10
N VAL A 209 -7.99 -19.14 2.66
CA VAL A 209 -7.33 -20.19 3.43
C VAL A 209 -5.94 -20.52 2.90
N ARG A 210 -5.64 -20.15 1.65
CA ARG A 210 -4.30 -20.35 1.11
C ARG A 210 -4.04 -19.23 0.12
N LEU A 211 -2.78 -18.78 0.03
CA LEU A 211 -2.50 -17.68 -0.87
C LEU A 211 -1.03 -17.67 -1.29
N PHE A 212 -0.80 -17.36 -2.56
CA PHE A 212 0.50 -17.01 -3.09
C PHE A 212 0.51 -15.51 -3.36
N ALA A 213 1.39 -14.80 -2.68
CA ALA A 213 1.49 -13.34 -2.73
C ALA A 213 2.76 -12.94 -3.46
N GLY A 214 2.80 -11.68 -3.89
CA GLY A 214 3.92 -11.15 -4.64
C GLY A 214 3.49 -10.08 -5.62
N GLY A 215 3.67 -10.34 -6.91
CA GLY A 215 3.26 -9.41 -7.93
C GLY A 215 2.70 -10.13 -9.14
N LYS A 216 1.89 -9.40 -9.90
CA LYS A 216 1.32 -9.96 -11.13
C LYS A 216 1.02 -8.86 -12.13
N MET A 217 1.46 -9.08 -13.36
CA MET A 217 1.17 -8.17 -14.47
C MET A 217 0.33 -8.89 -15.50
N THR A 218 -0.88 -8.39 -15.74
CA THR A 218 -1.78 -9.00 -16.72
C THR A 218 -2.02 -8.02 -17.86
N TYR A 219 -1.78 -8.49 -19.08
CA TYR A 219 -2.07 -7.74 -20.30
C TYR A 219 -3.38 -8.25 -20.90
N GLN A 220 -4.30 -7.33 -21.17
CA GLN A 220 -5.49 -7.60 -21.98
C GLN A 220 -5.25 -6.99 -23.36
N VAL A 221 -5.07 -7.84 -24.35
CA VAL A 221 -4.75 -7.44 -25.72
C VAL A 221 -6.02 -7.54 -26.54
N THR A 222 -6.30 -6.50 -27.35
CA THR A 222 -7.49 -6.43 -28.17
C THR A 222 -7.05 -6.20 -29.62
N ALA A 223 -7.23 -7.20 -30.47
CA ALA A 223 -6.77 -7.14 -31.85
C ALA A 223 -7.93 -7.35 -32.82
N LYS A 224 -7.78 -6.77 -34.01
CA LYS A 224 -8.74 -6.96 -35.08
C LYS A 224 -8.57 -8.32 -35.71
N ARG A 225 -9.70 -8.98 -36.02
CA ARG A 225 -9.65 -10.31 -36.60
C ARG A 225 -8.93 -10.33 -37.94
N SER A 226 -8.94 -9.21 -38.67
CA SER A 226 -8.23 -9.15 -39.94
C SER A 226 -6.72 -9.33 -39.75
N GLU A 227 -6.17 -8.66 -38.74
CA GLU A 227 -4.74 -8.77 -38.47
C GLU A 227 -4.38 -10.15 -37.95
N VAL A 228 -5.26 -10.78 -37.17
CA VAL A 228 -5.02 -12.15 -36.73
C VAL A 228 -5.02 -13.09 -37.94
N GLU A 229 -5.92 -12.86 -38.90
CA GLU A 229 -5.88 -13.62 -40.14
C GLU A 229 -4.56 -13.40 -40.87
N LYS A 230 -4.09 -12.15 -40.92
CA LYS A 230 -2.79 -11.87 -41.53
C LYS A 230 -1.67 -12.67 -40.86
N MET A 231 -1.67 -12.69 -39.52
CA MET A 231 -0.66 -13.45 -38.80
C MET A 231 -0.75 -14.94 -39.10
N ARG A 232 -1.97 -15.48 -39.16
CA ARG A 232 -2.12 -16.88 -39.53
C ARG A 232 -1.63 -17.14 -40.96
N ASN A 233 -1.79 -16.16 -41.85
CA ASN A 233 -1.25 -16.29 -43.20
C ASN A 233 0.27 -16.29 -43.19
N MET A 234 0.89 -15.47 -42.34
CA MET A 234 2.34 -15.41 -42.27
C MET A 234 2.95 -16.68 -41.70
N GLY A 235 2.19 -17.43 -40.91
CA GLY A 235 2.65 -18.66 -40.29
C GLY A 235 3.14 -18.52 -38.87
N ILE A 236 3.36 -17.29 -38.39
CA ILE A 236 3.77 -17.09 -37.01
C ILE A 236 2.58 -17.32 -36.08
N ASP A 237 2.84 -17.94 -34.94
CA ASP A 237 1.78 -18.19 -33.97
C ASP A 237 1.36 -16.89 -33.30
N VAL A 238 0.04 -16.68 -33.18
CA VAL A 238 -0.46 -15.44 -32.61
C VAL A 238 -0.08 -15.34 -31.14
N LYS A 239 -0.25 -16.42 -30.39
CA LYS A 239 0.08 -16.38 -28.96
C LYS A 239 1.57 -16.17 -28.75
N THR A 240 2.40 -16.88 -29.54
CA THR A 240 3.85 -16.72 -29.40
C THR A 240 4.29 -15.31 -29.76
N GLN A 241 3.70 -14.74 -30.81
CA GLN A 241 4.02 -13.36 -31.19
C GLN A 241 3.58 -12.37 -30.12
N LEU A 242 2.45 -12.65 -29.47
CA LEU A 242 1.99 -11.78 -28.39
C LEU A 242 2.91 -11.86 -27.18
N LYS A 243 3.39 -13.06 -26.85
CA LYS A 243 4.29 -13.21 -25.73
C LYS A 243 5.64 -12.54 -26.00
N MET A 244 6.19 -12.74 -27.20
CA MET A 244 7.48 -12.14 -27.53
C MET A 244 7.37 -10.62 -27.68
N GLN A 245 6.24 -10.13 -28.21
CA GLN A 245 6.08 -8.69 -28.40
C GLN A 245 5.91 -7.96 -27.07
N LEU A 246 5.36 -8.63 -26.07
CA LEU A 246 5.18 -8.03 -24.76
C LEU A 246 6.19 -8.61 -23.76
N MET A 270 0.15 -7.13 -35.92
CA MET A 270 0.78 -6.93 -34.61
C MET A 270 0.45 -5.55 -34.06
N ASN A 271 -0.65 -4.97 -34.53
CA ASN A 271 -1.15 -3.68 -34.05
C ASN A 271 -2.37 -3.95 -33.17
N VAL A 272 -2.22 -3.72 -31.87
CA VAL A 272 -3.22 -4.12 -30.89
C VAL A 272 -3.49 -2.97 -29.93
N GLN A 273 -4.57 -3.12 -29.15
CA GLN A 273 -4.89 -2.21 -28.07
C GLN A 273 -4.59 -2.93 -26.75
N LYS A 274 -3.83 -2.27 -25.88
CA LYS A 274 -3.31 -2.90 -24.68
C LYS A 274 -3.88 -2.26 -23.42
N GLU A 275 -4.48 -3.08 -22.54
CA GLU A 275 -4.81 -2.68 -21.17
C GLU A 275 -3.95 -3.45 -20.19
N THR A 276 -3.39 -2.72 -19.22
CA THR A 276 -2.45 -3.28 -18.27
C THR A 276 -3.07 -3.25 -16.88
N LEU A 277 -3.14 -4.41 -16.24
CA LEU A 277 -3.61 -4.53 -14.87
C LEU A 277 -2.47 -5.02 -14.00
N VAL A 278 -2.36 -4.43 -12.80
CA VAL A 278 -1.19 -4.57 -11.95
C VAL A 278 -1.64 -4.99 -10.56
N ILE A 279 -0.96 -5.98 -9.98
CA ILE A 279 -1.21 -6.48 -8.64
C ILE A 279 0.09 -6.49 -7.87
N GLY A 280 0.13 -5.79 -6.75
CA GLY A 280 1.28 -5.79 -5.86
C GLY A 280 2.21 -4.62 -6.12
N GLY A 281 2.85 -4.15 -5.04
CA GLY A 281 3.74 -3.02 -5.14
C GLY A 281 3.01 -1.70 -5.10
N ARG A 282 3.73 -0.64 -5.48
CA ARG A 282 3.22 0.73 -5.46
C ARG A 282 2.60 1.10 -6.79
N PRO A 283 1.58 1.96 -6.76
CA PRO A 283 0.90 2.35 -7.99
C PRO A 283 1.79 3.18 -8.89
N PRO A 284 1.86 2.85 -10.17
CA PRO A 284 2.57 3.72 -11.12
C PRO A 284 1.64 4.74 -11.75
N GLY A 285 2.02 6.01 -11.70
CA GLY A 285 1.16 7.08 -12.19
C GLY A 285 0.79 6.97 -13.65
N GLN A 286 1.51 6.16 -14.42
CA GLN A 286 1.17 5.89 -15.82
C GLN A 286 1.40 4.40 -16.05
N VAL A 287 0.31 3.65 -16.13
CA VAL A 287 0.39 2.19 -16.17
C VAL A 287 1.04 1.70 -17.44
N SER A 288 1.17 2.55 -18.46
CA SER A 288 1.71 2.17 -19.76
C SER A 288 3.01 2.95 -20.00
N ASP A 289 4.10 2.45 -19.44
CA ASP A 289 5.45 2.95 -19.63
C ASP A 289 6.43 1.82 -19.38
N PRO A 290 7.55 1.80 -20.11
CA PRO A 290 8.57 0.78 -19.80
C PRO A 290 9.20 0.98 -18.45
N ALA A 291 9.54 2.22 -18.09
CA ALA A 291 10.15 2.50 -16.81
C ALA A 291 9.18 2.24 -15.66
N ALA A 292 7.88 2.47 -15.88
CA ALA A 292 6.88 2.13 -14.88
C ALA A 292 6.92 0.64 -14.57
N LEU A 293 6.96 -0.20 -15.61
CA LEU A 293 7.12 -1.64 -15.43
C LEU A 293 8.40 -1.95 -14.66
N ALA A 294 9.53 -1.37 -15.09
CA ALA A 294 10.81 -1.70 -14.48
C ALA A 294 10.83 -1.32 -12.99
N ALA A 295 10.18 -0.22 -12.63
CA ALA A 295 10.20 0.23 -11.25
C ALA A 295 9.21 -0.54 -10.38
N TRP A 296 7.98 -0.75 -10.88
CA TRP A 296 7.00 -1.52 -10.13
C TRP A 296 7.46 -2.95 -9.89
N ALA A 297 8.19 -3.53 -10.86
CA ALA A 297 8.66 -4.90 -10.68
C ALA A 297 9.57 -5.04 -9.47
N ASP A 298 10.33 -3.99 -9.15
CA ASP A 298 11.18 -4.01 -7.97
C ASP A 298 10.48 -3.51 -6.72
N THR A 299 9.46 -2.66 -6.86
CA THR A 299 8.67 -2.31 -5.69
C THR A 299 7.74 -3.45 -5.26
N VAL A 300 7.60 -4.49 -6.10
CA VAL A 300 6.82 -5.66 -5.69
C VAL A 300 7.41 -6.32 -4.46
N GLU A 301 8.74 -6.47 -4.41
CA GLU A 301 9.38 -7.11 -3.27
C GLU A 301 9.07 -6.39 -1.97
N GLU A 302 9.04 -5.06 -2.00
CA GLU A 302 8.79 -4.28 -0.79
C GLU A 302 7.36 -4.46 -0.30
N LEU A 303 6.41 -4.62 -1.21
CA LEU A 303 4.99 -4.64 -0.88
C LEU A 303 4.31 -5.74 -1.70
N PRO A 304 4.50 -6.99 -1.32
CA PRO A 304 3.84 -8.08 -2.03
C PRO A 304 2.38 -8.18 -1.63
N MET A 305 1.59 -8.75 -2.54
CA MET A 305 0.15 -8.86 -2.34
C MET A 305 -0.33 -10.16 -2.98
N PRO A 306 -1.44 -10.73 -2.51
CA PRO A 306 -1.86 -12.05 -2.99
C PRO A 306 -2.20 -12.04 -4.47
N VAL A 307 -1.58 -12.96 -5.20
CA VAL A 307 -1.79 -13.06 -6.64
C VAL A 307 -2.47 -14.36 -7.05
N LYS A 308 -2.50 -15.39 -6.19
CA LYS A 308 -3.25 -16.59 -6.53
C LYS A 308 -3.63 -17.30 -5.23
N PHE A 309 -4.92 -17.33 -4.90
CA PHE A 309 -5.35 -17.80 -3.59
C PHE A 309 -6.55 -18.72 -3.70
N GLU A 310 -6.71 -19.55 -2.66
CA GLU A 310 -7.84 -20.44 -2.47
C GLU A 310 -8.58 -20.01 -1.21
N VAL A 311 -9.91 -19.99 -1.30
CA VAL A 311 -10.76 -19.44 -0.25
C VAL A 311 -11.73 -20.49 0.29
N GLN A 312 -12.52 -20.09 1.29
CA GLN A 312 -13.50 -20.94 1.95
C GLN A 312 -14.70 -20.08 2.30
N PRO A 313 -15.92 -20.62 2.21
CA PRO A 313 -17.10 -19.81 2.54
C PRO A 313 -17.13 -19.41 4.01
N LEU A 314 -17.69 -18.22 4.25
CA LEU A 314 -17.68 -17.65 5.60
C LEU A 314 -18.61 -18.37 6.57
N TYR A 315 -19.60 -19.12 6.08
CA TYR A 315 -20.56 -19.76 6.98
C TYR A 315 -19.92 -20.82 7.86
N HIS A 316 -18.74 -21.32 7.47
CA HIS A 316 -18.00 -22.24 8.33
C HIS A 316 -17.56 -21.58 9.63
N LEU A 317 -17.45 -20.26 9.66
CA LEU A 317 -17.03 -19.53 10.85
C LEU A 317 -18.20 -19.03 11.69
N LEU A 318 -19.43 -19.14 11.20
CA LEU A 318 -20.61 -18.67 11.90
C LEU A 318 -21.23 -19.78 12.72
N PRO A 319 -22.02 -19.42 13.75
CA PRO A 319 -22.74 -20.46 14.51
C PRO A 319 -23.69 -21.22 13.61
N VAL A 320 -23.92 -22.50 13.97
CA VAL A 320 -24.66 -23.42 13.11
C VAL A 320 -26.06 -22.90 12.81
N GLU A 321 -26.69 -22.21 13.77
CA GLU A 321 -28.03 -21.68 13.55
C GLU A 321 -28.03 -20.61 12.45
N LYS A 322 -26.98 -19.79 12.40
CA LYS A 322 -26.90 -18.71 11.42
C LYS A 322 -26.28 -19.13 10.10
N GLN A 323 -25.79 -20.36 9.99
CA GLN A 323 -25.07 -20.77 8.78
C GLN A 323 -25.99 -20.78 7.57
N GLU A 324 -27.16 -21.40 7.70
CA GLU A 324 -28.07 -21.50 6.55
C GLU A 324 -28.63 -20.13 6.19
N ALA A 325 -28.97 -19.31 7.20
CA ALA A 325 -29.44 -17.95 6.94
C ALA A 325 -28.37 -17.14 6.23
N PHE A 326 -27.11 -17.30 6.61
CA PHE A 326 -26.03 -16.57 5.95
C PHE A 326 -25.81 -17.05 4.54
N LYS A 327 -25.97 -18.36 4.30
CA LYS A 327 -25.89 -18.88 2.94
C LYS A 327 -27.00 -18.28 2.07
N GLN A 328 -28.21 -18.21 2.61
CA GLN A 328 -29.29 -17.52 1.90
C GLN A 328 -28.95 -16.06 1.65
N ALA A 329 -28.30 -15.41 2.63
CA ALA A 329 -27.95 -14.00 2.49
C ALA A 329 -26.92 -13.79 1.40
N VAL A 330 -25.94 -14.68 1.29
CA VAL A 330 -24.92 -14.51 0.25
C VAL A 330 -25.48 -14.88 -1.11
N THR A 331 -26.44 -15.82 -1.16
CA THR A 331 -27.16 -16.06 -2.42
C THR A 331 -27.89 -14.80 -2.86
N PHE A 332 -28.60 -14.15 -1.93
CA PHE A 332 -29.27 -12.89 -2.23
C PHE A 332 -28.27 -11.82 -2.66
N TYR A 333 -27.10 -11.79 -2.03
CA TYR A 333 -26.09 -10.79 -2.36
C TYR A 333 -25.58 -10.98 -3.78
N SER A 334 -25.22 -12.21 -4.14
CA SER A 334 -24.80 -12.49 -5.51
C SER A 334 -25.93 -12.23 -6.50
N LYS A 335 -27.18 -12.48 -6.11
CA LYS A 335 -28.31 -12.23 -6.99
C LYS A 335 -28.52 -10.73 -7.23
N ALA A 336 -28.31 -9.92 -6.19
CA ALA A 336 -28.63 -8.49 -6.29
C ALA A 336 -27.49 -7.70 -6.91
N VAL A 337 -26.25 -7.97 -6.51
CA VAL A 337 -25.13 -7.18 -7.02
C VAL A 337 -24.51 -7.81 -8.27
N GLY A 338 -24.49 -9.14 -8.35
CA GLY A 338 -24.01 -9.79 -9.55
C GLY A 338 -24.92 -9.55 -10.75
N LEU A 339 -24.39 -9.86 -11.93
CA LEU A 339 -25.10 -9.64 -13.18
C LEU A 339 -25.35 -10.98 -13.84
N THR A 340 -26.60 -11.45 -13.78
CA THR A 340 -27.02 -12.67 -14.45
C THR A 340 -27.38 -12.43 -15.92
N PRO A 341 -27.88 -11.24 -16.33
CA PRO A 341 -28.11 -11.18 -17.78
C PRO A 341 -26.86 -10.77 -18.55
N PRO B 6 5.74 11.06 -14.23
CA PRO B 6 5.45 10.53 -12.90
C PRO B 6 5.59 9.01 -12.84
N ALA B 7 6.81 8.54 -12.60
CA ALA B 7 7.10 7.10 -12.68
C ALA B 7 6.21 6.30 -11.72
N ILE B 8 6.38 6.51 -10.41
CA ILE B 8 5.57 5.83 -9.41
C ILE B 8 4.93 6.88 -8.51
N ASN B 9 3.63 6.74 -8.28
CA ASN B 9 2.86 7.72 -7.53
C ASN B 9 3.12 7.54 -6.04
N TYR B 10 3.60 8.60 -5.39
CA TYR B 10 3.77 8.65 -3.94
C TYR B 10 2.81 9.62 -3.27
N LEU B 11 2.00 10.34 -4.04
CA LEU B 11 1.03 11.27 -3.47
C LEU B 11 -0.01 10.49 -2.67
N GLY B 12 -0.30 10.96 -1.46
CA GLY B 12 -1.24 10.30 -0.58
C GLY B 12 -0.71 9.07 0.11
N ALA B 13 0.58 8.79 0.00
CA ALA B 13 1.16 7.65 0.71
C ALA B 13 1.28 7.95 2.20
N GLY B 14 1.24 6.89 3.00
CA GLY B 14 1.41 7.05 4.43
C GLY B 14 2.83 7.42 4.80
N TYR B 15 2.97 8.04 5.97
CA TYR B 15 4.27 8.49 6.45
C TYR B 15 4.37 8.27 7.95
N ASP B 16 5.47 7.65 8.38
CA ASP B 16 5.76 7.42 9.80
C ASP B 16 6.74 8.51 10.23
N HIS B 17 6.21 9.58 10.83
CA HIS B 17 7.05 10.73 11.19
C HIS B 17 8.03 10.40 12.30
N VAL B 18 7.81 9.32 13.05
CA VAL B 18 8.78 8.89 14.05
C VAL B 18 9.99 8.22 13.38
N ARG B 19 9.73 7.33 12.43
CA ARG B 19 10.78 6.60 11.73
C ARG B 19 11.20 7.26 10.43
N GLY B 20 10.60 8.40 10.08
CA GLY B 20 10.97 9.08 8.86
C GLY B 20 12.40 9.58 8.88
N ASN B 21 12.93 9.82 7.69
CA ASN B 21 14.29 10.32 7.52
C ASN B 21 14.42 10.86 6.10
N PRO B 22 14.01 12.11 5.86
CA PRO B 22 13.95 12.61 4.48
C PRO B 22 15.29 12.84 3.83
N VAL B 23 16.38 12.48 4.49
CA VAL B 23 17.71 12.57 3.88
C VAL B 23 18.23 11.20 3.46
N GLY B 24 17.65 10.11 3.98
CA GLY B 24 18.01 8.77 3.55
C GLY B 24 18.17 7.77 4.67
N ASP B 25 18.55 6.55 4.31
CA ASP B 25 18.77 5.46 5.26
C ASP B 25 19.58 4.41 4.54
N PRO B 26 20.56 3.78 5.20
CA PRO B 26 21.44 2.83 4.49
C PRO B 26 20.70 1.64 3.86
N SER B 27 19.51 1.31 4.34
CA SER B 27 18.77 0.17 3.83
C SER B 27 17.66 0.55 2.86
N SER B 28 17.43 1.85 2.63
CA SER B 28 16.34 2.30 1.77
C SER B 28 16.84 3.31 0.74
N MET B 29 16.27 3.25 -0.46
CA MET B 29 16.51 4.24 -1.50
C MET B 29 15.61 5.45 -1.38
N GLY B 30 14.73 5.47 -0.38
CA GLY B 30 13.86 6.60 -0.11
C GLY B 30 13.79 6.83 1.39
N ASP B 31 13.00 7.84 1.77
CA ASP B 31 12.71 8.08 3.16
C ASP B 31 12.14 6.81 3.79
N PRO B 32 12.78 6.25 4.82
CA PRO B 32 12.26 5.01 5.42
C PRO B 32 10.91 5.17 6.09
N GLY B 33 10.42 6.39 6.27
CA GLY B 33 9.09 6.60 6.82
C GLY B 33 7.95 6.46 5.85
N ILE B 34 8.24 6.42 4.54
CA ILE B 34 7.19 6.32 3.54
C ILE B 34 6.46 4.99 3.70
N ARG B 35 5.13 5.04 3.71
CA ARG B 35 4.28 3.88 3.91
C ARG B 35 3.44 3.64 2.66
N PRO B 36 2.75 2.50 2.54
CA PRO B 36 1.92 2.24 1.35
C PRO B 36 0.87 3.32 1.17
N PRO B 37 0.28 3.43 -0.02
CA PRO B 37 -0.64 4.54 -0.29
C PRO B 37 -1.88 4.51 0.59
N VAL B 38 -2.30 5.70 1.01
CA VAL B 38 -3.52 5.87 1.80
C VAL B 38 -4.65 6.46 0.96
N LEU B 39 -4.31 7.36 0.04
CA LEU B 39 -5.28 7.94 -0.88
C LEU B 39 -5.35 7.08 -2.15
N ARG B 40 -6.54 6.99 -2.72
CA ARG B 40 -6.77 6.15 -3.88
C ARG B 40 -6.72 6.96 -5.17
N PHE B 41 -5.91 6.50 -6.11
CA PHE B 41 -5.76 7.15 -7.41
C PHE B 41 -5.54 6.07 -8.47
N THR B 42 -5.64 6.49 -9.74
CA THR B 42 -5.44 5.58 -10.86
C THR B 42 -3.97 5.50 -11.25
N PRO B 59 -6.76 13.95 -13.56
CA PRO B 59 -5.84 13.29 -12.61
C PRO B 59 -6.47 13.06 -11.25
N LEU B 60 -7.79 12.89 -11.23
CA LEU B 60 -8.55 12.56 -10.03
C LEU B 60 -8.43 13.61 -8.93
N GLY B 61 -8.30 14.89 -9.30
CA GLY B 61 -8.31 15.95 -8.32
C GLY B 61 -6.96 16.52 -7.95
N GLY B 62 -5.87 15.94 -8.42
CA GLY B 62 -4.54 16.40 -8.05
C GLY B 62 -3.68 16.76 -9.23
N TYR B 63 -3.06 17.94 -9.16
CA TYR B 63 -2.20 18.43 -10.23
C TYR B 63 -0.85 17.73 -10.22
N VAL B 64 -0.24 17.68 -11.40
CA VAL B 64 1.13 17.20 -11.58
C VAL B 64 1.83 18.18 -12.49
N ARG B 65 2.92 18.77 -12.02
CA ARG B 65 3.68 19.75 -12.78
C ARG B 65 5.06 19.18 -13.06
N GLN B 66 5.52 19.36 -14.29
CA GLN B 66 6.81 18.82 -14.69
C GLN B 66 7.88 19.88 -14.51
N TYR B 67 9.10 19.44 -14.22
CA TYR B 67 10.21 20.35 -14.01
C TYR B 67 11.20 20.33 -15.16
N VAL B 68 11.83 21.49 -15.38
CA VAL B 68 12.88 21.66 -16.38
C VAL B 68 14.11 20.98 -15.76
N ALA B 69 14.33 19.73 -16.15
CA ALA B 69 15.44 18.90 -15.72
C ALA B 69 15.30 18.27 -14.37
N CYS B 70 16.45 17.76 -13.97
CA CYS B 70 16.83 17.61 -12.58
C CYS B 70 17.17 19.03 -12.15
N ARG B 71 16.14 19.80 -11.79
CA ARG B 71 16.34 21.14 -11.29
C ARG B 71 17.20 21.07 -10.04
N GLN B 72 18.34 21.74 -10.07
CA GLN B 72 19.35 21.58 -9.03
C GLN B 72 19.33 22.77 -8.10
N SER B 73 19.47 22.49 -6.81
CA SER B 73 19.53 23.54 -5.79
C SER B 73 20.27 22.99 -4.58
N GLU B 74 21.21 23.75 -4.04
CA GLU B 74 22.05 23.28 -2.96
C GLU B 74 21.89 24.17 -1.73
N THR B 75 21.85 23.52 -0.57
CA THR B 75 21.74 24.20 0.71
C THR B 75 22.70 23.61 1.71
N ILE B 76 23.38 24.46 2.46
CA ILE B 76 24.37 24.03 3.45
C ILE B 76 24.00 24.60 4.81
N SER B 77 24.14 23.78 5.84
CA SER B 77 23.81 24.23 7.20
C SER B 77 24.67 23.48 8.21
N GLU B 78 25.16 24.21 9.22
CA GLU B 78 25.89 23.61 10.31
C GLU B 78 24.91 23.03 11.34
N LEU B 79 25.10 21.77 11.71
CA LEU B 79 24.21 21.08 12.63
C LEU B 79 24.88 21.06 14.01
N SER B 80 24.56 22.05 14.84
CA SER B 80 25.19 22.18 16.14
C SER B 80 24.66 21.17 17.14
N ASN B 81 23.42 20.71 16.98
CA ASN B 81 22.80 19.79 17.93
C ASN B 81 21.72 19.00 17.20
N LEU B 82 21.07 18.10 17.96
CA LEU B 82 20.00 17.29 17.38
C LEU B 82 18.81 18.13 16.94
N SER B 83 18.63 19.31 17.55
CA SER B 83 17.53 20.19 17.14
C SER B 83 17.77 20.77 15.76
N ASP B 84 19.00 21.19 15.46
CA ASP B 84 19.31 21.70 14.13
C ASP B 84 19.18 20.59 13.08
N TYR B 85 19.63 19.38 13.41
CA TYR B 85 19.46 18.24 12.51
C TYR B 85 17.98 17.98 12.23
N GLN B 86 17.17 17.96 13.29
CA GLN B 86 15.74 17.73 13.13
C GLN B 86 15.08 18.83 12.32
N ASN B 87 15.56 20.07 12.46
CA ASN B 87 14.99 21.18 11.69
C ASN B 87 15.37 21.08 10.22
N GLU B 88 16.63 20.80 9.94
CA GLU B 88 17.06 20.62 8.55
C GLU B 88 16.32 19.47 7.89
N LEU B 89 16.05 18.40 8.65
CA LEU B 89 15.20 17.33 8.13
C LEU B 89 13.76 17.79 7.94
N SER B 90 13.28 18.68 8.82
CA SER B 90 11.91 19.15 8.74
C SER B 90 11.65 19.96 7.48
N VAL B 91 12.70 20.46 6.83
CA VAL B 91 12.51 21.23 5.60
C VAL B 91 11.97 20.33 4.49
N ASP B 92 12.36 19.05 4.48
CA ASP B 92 11.93 18.10 3.47
C ASP B 92 10.75 17.25 3.91
N ALA B 93 10.24 17.44 5.14
CA ALA B 93 9.10 16.69 5.64
C ALA B 93 8.39 17.45 6.75
N SER B 94 7.56 18.42 6.38
CA SER B 94 6.83 19.24 7.33
C SER B 94 5.33 19.11 7.07
N LEU B 95 4.54 19.73 7.95
CA LEU B 95 3.11 19.80 7.77
C LEU B 95 2.76 20.84 6.70
N GLN B 96 1.51 20.79 6.23
CA GLN B 96 1.06 21.73 5.23
C GLN B 96 1.10 23.16 5.75
N GLY B 97 1.93 23.99 5.13
CA GLY B 97 2.16 25.35 5.58
C GLY B 97 3.55 25.64 6.08
N GLY B 98 4.50 24.71 5.91
CA GLY B 98 5.87 24.91 6.35
C GLY B 98 6.14 24.56 7.78
N ASP B 99 5.10 24.45 8.61
CA ASP B 99 5.29 24.16 10.02
C ASP B 99 5.80 22.72 10.21
N PRO B 100 6.74 22.50 11.13
CA PRO B 100 7.26 21.16 11.34
C PRO B 100 6.24 20.23 11.99
N ILE B 101 6.43 18.94 11.77
CA ILE B 101 5.53 17.94 12.36
C ILE B 101 5.73 17.88 13.87
N GLY B 102 6.97 17.96 14.32
CA GLY B 102 7.23 17.83 15.75
C GLY B 102 7.01 16.41 16.24
N LEU B 103 6.75 16.31 17.55
CA LEU B 103 6.42 15.04 18.20
C LEU B 103 7.55 14.02 18.03
N ASN B 104 8.78 14.47 18.31
CA ASN B 104 9.97 13.64 18.17
C ASN B 104 10.08 13.10 16.74
N SER B 105 10.08 14.02 15.79
CA SER B 105 10.16 13.65 14.38
C SER B 105 11.50 13.00 14.08
N PHE B 106 11.46 11.93 13.28
CA PHE B 106 12.66 11.23 12.79
C PHE B 106 13.48 10.63 13.92
N SER B 107 13.00 10.73 15.16
CA SER B 107 13.77 10.31 16.33
C SER B 107 14.06 8.82 16.36
N ALA B 108 13.41 8.03 15.50
CA ALA B 108 13.67 6.60 15.42
C ALA B 108 14.55 6.23 14.22
N SER B 109 14.83 7.19 13.34
CA SER B 109 15.62 6.90 12.15
C SER B 109 17.08 6.67 12.51
N THR B 110 17.75 5.83 11.70
CA THR B 110 19.14 5.49 11.97
C THR B 110 20.05 6.71 11.89
N GLY B 111 19.87 7.56 10.87
CA GLY B 111 20.71 8.74 10.77
C GLY B 111 20.54 9.70 11.91
N TYR B 112 19.44 9.59 12.65
CA TYR B 112 19.22 10.47 13.79
C TYR B 112 20.00 9.98 15.00
N ARG B 113 20.00 8.67 15.23
CA ARG B 113 20.83 8.08 16.29
C ARG B 113 22.32 8.27 15.98
N ASP B 114 22.70 8.09 14.71
CA ASP B 114 24.09 8.32 14.32
C ASP B 114 24.50 9.76 14.53
N PHE B 115 23.64 10.72 14.17
CA PHE B 115 23.97 12.11 14.41
C PHE B 115 24.00 12.44 15.89
N ALA B 116 23.15 11.80 16.69
CA ALA B 116 23.23 11.98 18.13
C ALA B 116 24.60 11.56 18.65
N LYS B 117 25.09 10.40 18.18
CA LYS B 117 26.43 9.95 18.57
C LYS B 117 27.50 10.94 18.12
N GLU B 118 27.42 11.38 16.85
CA GLU B 118 28.45 12.26 16.32
C GLU B 118 28.45 13.62 17.00
N VAL B 119 27.29 14.11 17.43
CA VAL B 119 27.25 15.37 18.15
C VAL B 119 27.65 15.14 19.61
N SER B 120 27.49 13.93 20.12
CA SER B 120 28.02 13.60 21.44
C SER B 120 29.54 13.57 21.45
N LYS B 121 30.16 13.35 20.28
CA LYS B 121 31.63 13.45 20.22
C LYS B 121 32.12 14.79 20.75
N LYS B 122 31.50 15.89 20.29
CA LYS B 122 31.70 17.24 20.82
C LYS B 122 33.13 17.78 20.63
N ASP B 123 34.00 17.02 20.00
CA ASP B 123 35.29 17.55 19.56
C ASP B 123 35.29 17.84 18.07
N THR B 124 34.15 17.69 17.41
CA THR B 124 34.03 17.87 15.97
C THR B 124 32.71 18.56 15.67
N ARG B 125 32.70 19.36 14.60
CA ARG B 125 31.50 20.00 14.11
C ARG B 125 31.05 19.36 12.81
N THR B 126 29.75 19.17 12.66
CA THR B 126 29.18 18.54 11.47
C THR B 126 28.37 19.55 10.67
N TYR B 127 28.60 19.56 9.36
CA TYR B 127 27.83 20.35 8.41
C TYR B 127 27.03 19.41 7.52
N MET B 128 26.01 19.95 6.87
CA MET B 128 25.16 19.16 6.01
C MET B 128 24.92 19.92 4.70
N LEU B 129 25.22 19.24 3.59
CA LEU B 129 24.99 19.76 2.26
C LEU B 129 23.85 18.97 1.62
N LYS B 130 23.00 19.69 0.88
CA LYS B 130 21.86 19.09 0.21
C LYS B 130 21.89 19.53 -1.23
N ASN B 131 21.93 18.57 -2.15
CA ASN B 131 21.81 18.80 -3.57
C ASN B 131 20.46 18.23 -3.99
N TYR B 132 19.52 19.12 -4.31
CA TYR B 132 18.20 18.75 -4.78
C TYR B 132 18.24 18.67 -6.30
N CYS B 133 17.71 17.57 -6.82
CA CYS B 133 17.71 17.22 -8.23
C CYS B 133 16.25 16.90 -8.58
N MET B 134 15.40 17.92 -8.58
CA MET B 134 13.95 17.74 -8.63
C MET B 134 13.42 17.68 -10.06
N ARG B 135 12.56 16.69 -10.33
CA ARG B 135 12.04 16.44 -11.67
C ARG B 135 10.55 16.69 -11.82
N TYR B 136 9.73 16.45 -10.79
CA TYR B 136 8.31 16.75 -10.88
C TYR B 136 7.79 17.18 -9.52
N GLU B 137 6.62 17.81 -9.54
CA GLU B 137 5.91 18.22 -8.32
C GLU B 137 4.48 17.71 -8.39
N ALA B 138 4.00 17.15 -7.28
CA ALA B 138 2.65 16.63 -7.21
C ALA B 138 1.97 17.11 -5.93
N GLY B 139 0.66 17.33 -6.04
CA GLY B 139 -0.13 17.78 -4.91
C GLY B 139 -1.60 17.61 -5.20
N VAL B 140 -2.41 17.86 -4.18
CA VAL B 140 -3.86 17.76 -4.29
C VAL B 140 -4.47 19.10 -3.91
N ALA B 141 -5.62 19.41 -4.49
CA ALA B 141 -6.38 20.59 -4.10
C ALA B 141 -7.47 20.20 -3.12
N GLN B 142 -8.08 21.20 -2.50
CA GLN B 142 -9.12 20.96 -1.50
C GLN B 142 -10.38 20.37 -2.13
N LYS B 147 -11.68 14.87 3.23
CA LYS B 147 -12.55 14.90 2.06
C LYS B 147 -11.86 14.27 0.87
N TRP B 148 -11.34 13.06 1.06
CA TRP B 148 -10.54 12.39 0.05
C TRP B 148 -11.03 10.97 -0.11
N ASN B 149 -10.88 10.45 -1.33
CA ASN B 149 -11.06 9.01 -1.51
C ASN B 149 -9.86 8.28 -0.93
N VAL B 150 -10.10 7.12 -0.32
CA VAL B 150 -9.04 6.33 0.25
C VAL B 150 -8.99 4.97 -0.44
N THR B 151 -7.86 4.29 -0.28
CA THR B 151 -7.67 2.99 -0.89
C THR B 151 -8.57 1.96 -0.21
N LEU B 152 -8.61 0.76 -0.80
CA LEU B 152 -9.42 -0.31 -0.26
C LEU B 152 -8.89 -0.76 1.10
N ALA B 153 -7.58 -1.04 1.17
CA ALA B 153 -6.98 -1.54 2.41
C ALA B 153 -7.06 -0.53 3.54
N PHE B 154 -7.03 0.77 3.21
CA PHE B 154 -7.08 1.78 4.27
C PHE B 154 -8.42 1.76 4.99
N ALA B 155 -9.52 1.86 4.26
CA ALA B 155 -10.83 1.75 4.87
C ALA B 155 -11.03 0.37 5.49
N ALA B 156 -10.46 -0.67 4.89
CA ALA B 156 -10.59 -2.02 5.43
C ALA B 156 -9.91 -2.14 6.78
N GLY B 157 -8.85 -1.37 7.01
CA GLY B 157 -8.18 -1.38 8.30
C GLY B 157 -8.83 -0.45 9.28
N VAL B 158 -9.42 0.65 8.78
CA VAL B 158 -10.13 1.58 9.65
C VAL B 158 -11.38 0.92 10.23
N SER B 159 -12.07 0.08 9.43
CA SER B 159 -13.26 -0.59 9.93
C SER B 159 -12.95 -1.48 11.13
N GLN B 160 -11.74 -2.04 11.20
CA GLN B 160 -11.35 -2.88 12.32
C GLN B 160 -10.88 -2.08 13.54
N LEU B 161 -10.79 -0.76 13.44
CA LEU B 161 -10.26 -0.01 14.56
C LEU B 161 -11.37 0.24 15.59
N PRO B 162 -11.05 0.15 16.89
CA PRO B 162 -12.05 0.51 17.90
C PRO B 162 -12.32 2.00 17.95
N ASP B 163 -13.22 2.43 18.81
CA ASP B 163 -13.48 3.84 19.02
C ASP B 163 -12.74 4.43 20.21
N VAL B 164 -12.07 3.60 21.01
CA VAL B 164 -11.46 4.02 22.26
C VAL B 164 -10.04 3.46 22.31
N PHE B 165 -9.07 4.34 22.60
CA PHE B 165 -7.69 3.92 22.79
C PHE B 165 -7.44 3.74 24.30
N ASP B 166 -7.05 2.53 24.68
CA ASP B 166 -6.94 2.19 26.10
C ASP B 166 -5.78 2.93 26.76
N ALA B 167 -4.61 2.91 26.12
CA ALA B 167 -3.38 3.44 26.71
C ALA B 167 -3.48 4.93 26.99
N HIS B 168 -4.63 5.53 26.72
CA HIS B 168 -4.87 6.90 27.19
C HIS B 168 -4.74 6.97 28.70
N ASN B 169 -5.06 5.90 29.41
CA ASN B 169 -4.70 5.82 30.82
C ASN B 169 -3.65 4.74 31.03
N PRO B 170 -2.39 5.10 31.28
CA PRO B 170 -1.34 4.08 31.45
C PRO B 170 -1.31 3.43 32.82
N GLU B 171 -1.95 4.04 33.83
CA GLU B 171 -1.93 3.56 35.21
C GLU B 171 -2.38 2.11 35.36
N CYS B 172 -1.43 1.24 35.68
CA CYS B 172 -1.64 -0.20 35.87
C CYS B 172 -2.10 -0.87 34.58
N ALA B 173 -1.67 -0.36 33.43
CA ALA B 173 -2.07 -0.94 32.15
C ALA B 173 -0.90 -0.98 31.18
N CYS B 174 -1.21 -0.81 29.89
CA CYS B 174 -0.19 -0.78 28.84
C CYS B 174 0.28 0.66 28.67
N SER B 175 1.56 0.90 28.93
CA SER B 175 2.16 2.21 28.81
C SER B 175 3.24 2.19 27.74
N ALA B 176 3.75 3.39 27.43
CA ALA B 176 4.80 3.52 26.42
C ALA B 176 6.04 2.74 26.79
N GLU B 177 6.50 2.87 28.04
CA GLU B 177 7.68 2.14 28.48
C GLU B 177 7.43 0.65 28.55
N GLN B 178 6.24 0.24 29.00
CA GLN B 178 5.92 -1.18 29.05
C GLN B 178 5.88 -1.80 27.66
N TRP B 179 5.27 -1.10 26.70
CA TRP B 179 5.27 -1.57 25.32
C TRP B 179 6.68 -1.58 24.74
N ARG B 180 7.48 -0.59 25.11
CA ARG B 180 8.85 -0.49 24.59
C ARG B 180 9.71 -1.64 25.08
N GLN B 181 9.59 -2.01 26.35
CA GLN B 181 10.35 -3.13 26.88
C GLN B 181 9.89 -4.44 26.23
N ASP B 182 8.65 -4.84 26.48
CA ASP B 182 8.07 -6.04 25.87
C ASP B 182 6.68 -5.70 25.34
N GLN B 183 6.55 -5.68 24.01
CA GLN B 183 5.24 -5.45 23.40
C GLN B 183 4.40 -6.72 23.37
N ASN B 184 5.03 -7.90 23.45
CA ASN B 184 4.33 -9.16 23.52
C ASN B 184 3.96 -9.56 24.94
N ALA B 185 4.17 -8.67 25.91
CA ALA B 185 3.82 -8.96 27.28
C ALA B 185 2.31 -9.11 27.44
N GLU B 186 1.90 -9.95 28.39
CA GLU B 186 0.49 -10.21 28.63
C GLU B 186 -0.28 -8.96 29.04
N ALA B 187 0.39 -8.01 29.71
CA ALA B 187 -0.28 -6.81 30.16
C ALA B 187 -0.88 -6.00 29.01
N CYS B 188 -0.15 -5.91 27.89
CA CYS B 188 -0.59 -5.13 26.74
C CYS B 188 -1.52 -5.89 25.80
N THR B 189 -1.32 -7.21 25.65
CA THR B 189 -2.12 -7.98 24.70
C THR B 189 -3.60 -7.96 25.04
N LYS B 190 -3.95 -7.78 26.32
CA LYS B 190 -5.35 -7.71 26.70
C LYS B 190 -6.04 -6.49 26.10
N THR B 191 -5.33 -5.36 26.06
CA THR B 191 -5.90 -4.13 25.53
C THR B 191 -5.97 -4.17 24.00
N ASN B 192 -6.62 -3.14 23.43
CA ASN B 192 -6.68 -2.99 21.99
C ASN B 192 -5.45 -2.29 21.42
N VAL B 193 -4.55 -1.81 22.29
CA VAL B 193 -3.41 -1.01 21.83
C VAL B 193 -2.63 -1.68 20.70
N PRO B 194 -2.18 -2.95 20.83
CA PRO B 194 -1.41 -3.54 19.71
C PRO B 194 -2.13 -3.45 18.38
N ILE B 195 -3.47 -3.63 18.38
CA ILE B 195 -4.24 -3.48 17.15
C ILE B 195 -3.94 -2.11 16.54
N TRP B 196 -4.21 -1.06 17.31
CA TRP B 196 -3.90 0.30 16.86
C TRP B 196 -2.46 0.37 16.35
N ILE B 197 -1.52 -0.13 17.17
CA ILE B 197 -0.11 -0.05 16.80
C ILE B 197 0.11 -0.68 15.44
N SER B 198 -0.45 -1.89 15.24
CA SER B 198 -0.33 -2.57 13.96
C SER B 198 -0.75 -1.65 12.83
N PHE B 199 -1.94 -1.05 12.95
CA PHE B 199 -2.42 -0.11 11.95
C PHE B 199 -1.37 0.93 11.63
N ILE B 200 -0.85 1.61 12.66
CA ILE B 200 0.16 2.63 12.42
C ILE B 200 1.37 2.03 11.75
N GLU B 201 1.84 0.89 12.25
CA GLU B 201 3.02 0.25 11.69
C GLU B 201 2.83 -0.05 10.21
N GLN B 202 1.59 -0.22 9.76
CA GLN B 202 1.35 -0.46 8.34
C GLN B 202 1.24 0.83 7.55
N PHE B 203 0.63 1.86 8.13
CA PHE B 203 0.25 3.05 7.37
C PHE B 203 0.93 4.33 7.83
N GLY B 204 1.62 4.32 8.96
CA GLY B 204 2.26 5.53 9.44
C GLY B 204 1.31 6.40 10.24
N THR B 205 1.76 7.63 10.48
CA THR B 205 0.99 8.60 11.24
C THR B 205 0.41 9.72 10.39
N HIS B 206 1.00 10.00 9.23
CA HIS B 206 0.55 11.08 8.35
C HIS B 206 0.47 10.56 6.92
N PHE B 207 -0.01 11.42 6.02
CA PHE B 207 -0.03 11.12 4.59
C PHE B 207 0.41 12.36 3.83
N LEU B 208 1.03 12.14 2.68
CA LEU B 208 1.62 13.21 1.90
C LEU B 208 0.55 13.94 1.10
N VAL B 209 0.42 15.25 1.32
CA VAL B 209 -0.49 16.08 0.55
C VAL B 209 0.22 16.86 -0.55
N ARG B 210 1.53 17.05 -0.45
CA ARG B 210 2.29 17.73 -1.49
C ARG B 210 3.68 17.12 -1.53
N LEU B 211 4.27 17.06 -2.72
CA LEU B 211 5.59 16.46 -2.81
C LEU B 211 6.34 16.99 -4.03
N PHE B 212 7.63 17.23 -3.84
CA PHE B 212 8.59 17.46 -4.90
C PHE B 212 9.45 16.21 -4.99
N ALA B 213 9.40 15.53 -6.13
CA ALA B 213 10.05 14.26 -6.36
C ALA B 213 11.24 14.42 -7.30
N GLY B 214 12.11 13.41 -7.29
CA GLY B 214 13.29 13.42 -8.11
C GLY B 214 14.44 12.70 -7.43
N GLY B 215 15.50 13.43 -7.13
CA GLY B 215 16.65 12.88 -6.44
C GLY B 215 17.23 13.90 -5.48
N LYS B 216 17.99 13.40 -4.52
CA LYS B 216 18.66 14.26 -3.57
C LYS B 216 19.92 13.57 -3.07
N MET B 217 21.04 14.30 -3.12
CA MET B 217 22.30 13.82 -2.61
C MET B 217 22.71 14.72 -1.45
N THR B 218 22.80 14.14 -0.25
CA THR B 218 23.13 14.89 0.95
C THR B 218 24.47 14.43 1.50
N TYR B 219 25.36 15.38 1.73
CA TYR B 219 26.66 15.13 2.33
C TYR B 219 26.60 15.49 3.81
N GLN B 220 27.02 14.55 4.66
CA GLN B 220 27.23 14.82 6.07
C GLN B 220 28.72 14.94 6.27
N VAL B 221 29.18 16.17 6.53
CA VAL B 221 30.60 16.48 6.66
C VAL B 221 30.92 16.58 8.14
N THR B 222 32.03 15.96 8.53
CA THR B 222 32.48 15.93 9.93
C THR B 222 33.89 16.51 9.96
N ALA B 223 34.02 17.69 10.55
CA ALA B 223 35.27 18.44 10.55
C ALA B 223 35.75 18.64 11.98
N LYS B 224 37.07 18.81 12.11
CA LYS B 224 37.66 19.03 13.42
C LYS B 224 37.32 20.43 13.92
N ARG B 225 36.96 20.53 15.21
CA ARG B 225 36.64 21.82 15.77
C ARG B 225 37.84 22.76 15.76
N SER B 226 39.06 22.21 15.80
CA SER B 226 40.25 23.04 15.76
C SER B 226 40.34 23.82 14.44
N GLU B 227 40.09 23.15 13.32
CA GLU B 227 40.16 23.83 12.03
C GLU B 227 39.05 24.86 11.88
N VAL B 228 37.86 24.56 12.41
CA VAL B 228 36.77 25.53 12.37
C VAL B 228 37.11 26.74 13.23
N GLU B 229 37.75 26.52 14.39
CA GLU B 229 38.23 27.62 15.21
C GLU B 229 39.24 28.49 14.44
N LYS B 230 40.19 27.84 13.75
CA LYS B 230 41.15 28.57 12.94
C LYS B 230 40.45 29.42 11.88
N MET B 231 39.50 28.82 11.16
CA MET B 231 38.80 29.54 10.10
C MET B 231 38.01 30.71 10.65
N ARG B 232 37.33 30.52 11.78
CA ARG B 232 36.59 31.61 12.41
C ARG B 232 37.50 32.72 12.88
N ASN B 233 38.72 32.38 13.33
CA ASN B 233 39.67 33.42 13.69
C ASN B 233 40.15 34.18 12.47
N MET B 234 40.42 33.46 11.37
CA MET B 234 40.89 34.13 10.15
C MET B 234 39.80 34.94 9.47
N GLY B 235 38.52 34.61 9.68
CA GLY B 235 37.43 35.31 9.05
C GLY B 235 36.86 34.63 7.82
N ILE B 236 37.54 33.60 7.29
CA ILE B 236 37.05 32.90 6.11
C ILE B 236 35.85 32.05 6.48
N ASP B 237 34.86 32.01 5.58
CA ASP B 237 33.65 31.25 5.82
C ASP B 237 33.92 29.76 5.65
N VAL B 238 33.46 28.97 6.62
CA VAL B 238 33.62 27.52 6.56
C VAL B 238 32.76 26.93 5.46
N LYS B 239 31.52 27.42 5.34
CA LYS B 239 30.56 26.86 4.39
C LYS B 239 31.02 27.04 2.94
N THR B 240 31.56 28.21 2.60
CA THR B 240 32.03 28.44 1.24
C THR B 240 33.19 27.51 0.90
N GLN B 241 34.11 27.31 1.84
CA GLN B 241 35.22 26.38 1.61
C GLN B 241 34.71 24.96 1.46
N LEU B 242 33.67 24.59 2.21
CA LEU B 242 33.09 23.26 2.07
C LEU B 242 32.42 23.09 0.71
N LYS B 243 31.74 24.14 0.23
CA LYS B 243 31.09 24.06 -1.08
C LYS B 243 32.12 23.95 -2.20
N MET B 244 33.18 24.76 -2.13
CA MET B 244 34.20 24.70 -3.18
C MET B 244 34.97 23.39 -3.12
N GLN B 245 35.19 22.86 -1.91
CA GLN B 245 35.88 21.58 -1.78
C GLN B 245 35.01 20.43 -2.24
N LEU B 246 33.70 20.55 -2.08
CA LEU B 246 32.76 19.52 -2.51
C LEU B 246 31.94 19.97 -3.71
N MET B 270 40.76 21.72 4.07
CA MET B 270 40.34 21.07 5.32
C MET B 270 40.44 19.55 5.22
N ASN B 271 40.60 18.91 6.38
CA ASN B 271 40.58 17.47 6.50
C ASN B 271 39.25 17.08 7.16
N VAL B 272 38.36 16.47 6.37
CA VAL B 272 37.01 16.21 6.83
C VAL B 272 36.63 14.77 6.49
N GLN B 273 35.56 14.30 7.13
CA GLN B 273 34.97 13.00 6.84
C GLN B 273 33.64 13.20 6.14
N LYS B 274 33.44 12.48 5.03
CA LYS B 274 32.27 12.68 4.18
C LYS B 274 31.41 11.43 4.21
N GLU B 275 30.13 11.61 4.54
CA GLU B 275 29.13 10.55 4.46
C GLU B 275 28.14 10.94 3.37
N THR B 276 27.84 10.04 2.45
CA THR B 276 26.99 10.37 1.31
C THR B 276 25.67 9.61 1.42
N LEU B 277 24.57 10.35 1.41
CA LEU B 277 23.24 9.77 1.46
C LEU B 277 22.51 10.12 0.16
N VAL B 278 21.84 9.14 -0.42
CA VAL B 278 21.29 9.26 -1.76
C VAL B 278 19.81 8.87 -1.73
N ILE B 279 18.97 9.69 -2.36
CA ILE B 279 17.55 9.41 -2.48
C ILE B 279 17.20 9.52 -3.96
N GLY B 280 16.76 8.42 -4.55
CA GLY B 280 16.33 8.50 -5.93
C GLY B 280 17.45 8.19 -6.91
N GLY B 281 17.06 7.62 -8.05
CA GLY B 281 18.03 7.29 -9.08
C GLY B 281 18.76 5.99 -8.82
N ARG B 282 19.84 5.81 -9.58
CA ARG B 282 20.63 4.60 -9.45
C ARG B 282 21.75 4.80 -8.44
N PRO B 283 22.10 3.78 -7.65
CA PRO B 283 23.17 3.94 -6.67
C PRO B 283 24.52 4.06 -7.34
N PRO B 284 25.30 5.09 -7.01
CA PRO B 284 26.67 5.17 -7.53
C PRO B 284 27.70 4.60 -6.56
N GLY B 285 28.53 3.68 -7.04
CA GLY B 285 29.51 3.03 -6.20
C GLY B 285 30.57 3.97 -5.64
N GLN B 286 30.50 4.24 -4.34
CA GLN B 286 31.51 5.06 -3.68
C GLN B 286 31.87 4.49 -2.31
N ASP B 289 32.48 11.29 -6.10
CA ASP B 289 33.08 11.16 -7.43
C ASP B 289 32.41 12.11 -8.41
N PRO B 290 33.18 12.67 -9.35
CA PRO B 290 32.59 13.53 -10.38
C PRO B 290 31.71 12.77 -11.36
N ALA B 291 32.21 11.64 -11.87
CA ALA B 291 31.46 10.87 -12.86
C ALA B 291 30.24 10.22 -12.23
N ALA B 292 30.35 9.76 -10.98
CA ALA B 292 29.21 9.20 -10.29
C ALA B 292 28.09 10.23 -10.15
N LEU B 293 28.45 11.45 -9.73
CA LEU B 293 27.47 12.53 -9.67
C LEU B 293 26.86 12.80 -11.03
N ALA B 294 27.70 12.93 -12.06
CA ALA B 294 27.20 13.28 -13.39
C ALA B 294 26.24 12.22 -13.93
N ALA B 295 26.48 10.94 -13.61
CA ALA B 295 25.62 9.88 -14.12
C ALA B 295 24.35 9.76 -13.29
N TRP B 296 24.48 9.77 -11.97
CA TRP B 296 23.31 9.67 -11.10
C TRP B 296 22.35 10.83 -11.33
N ALA B 297 22.87 12.02 -11.63
CA ALA B 297 21.99 13.16 -11.89
C ALA B 297 21.06 12.91 -13.07
N ASP B 298 21.51 12.12 -14.04
CA ASP B 298 20.69 11.78 -15.20
C ASP B 298 19.86 10.52 -14.97
N THR B 299 20.31 9.61 -14.10
CA THR B 299 19.49 8.45 -13.76
C THR B 299 18.35 8.79 -12.82
N VAL B 300 18.32 10.01 -12.26
CA VAL B 300 17.19 10.42 -11.42
C VAL B 300 15.90 10.42 -12.22
N GLU B 301 15.95 10.90 -13.46
CA GLU B 301 14.77 10.93 -14.32
C GLU B 301 14.15 9.55 -14.46
N GLU B 302 14.99 8.52 -14.57
CA GLU B 302 14.49 7.16 -14.74
C GLU B 302 13.78 6.63 -13.50
N LEU B 303 14.24 7.03 -12.32
CA LEU B 303 13.73 6.48 -11.05
C LEU B 303 13.60 7.60 -10.03
N PRO B 304 12.59 8.45 -10.17
CA PRO B 304 12.39 9.54 -9.22
C PRO B 304 11.71 9.08 -7.93
N MET B 305 11.95 9.84 -6.86
CA MET B 305 11.39 9.56 -5.55
C MET B 305 11.20 10.89 -4.82
N PRO B 306 10.25 10.96 -3.88
CA PRO B 306 9.95 12.24 -3.22
C PRO B 306 11.13 12.71 -2.39
N VAL B 307 11.55 13.95 -2.63
CA VAL B 307 12.68 14.53 -1.91
C VAL B 307 12.31 15.71 -1.03
N LYS B 308 11.13 16.31 -1.21
CA LYS B 308 10.70 17.37 -0.29
C LYS B 308 9.18 17.42 -0.28
N PHE B 309 8.55 17.04 0.83
CA PHE B 309 7.10 16.88 0.82
C PHE B 309 6.47 17.50 2.05
N GLU B 310 5.19 17.83 1.92
CA GLU B 310 4.33 18.33 2.99
C GLU B 310 3.23 17.32 3.24
N VAL B 311 2.94 17.06 4.52
CA VAL B 311 2.03 16.00 4.92
C VAL B 311 0.87 16.56 5.73
N GLN B 312 -0.06 15.68 6.10
CA GLN B 312 -1.24 15.99 6.89
C GLN B 312 -1.49 14.78 7.79
N PRO B 313 -1.93 14.99 9.03
CA PRO B 313 -2.15 13.85 9.93
C PRO B 313 -3.26 12.93 9.45
N LEU B 314 -3.12 11.64 9.77
CA LEU B 314 -4.06 10.64 9.28
C LEU B 314 -5.43 10.73 9.96
N TYR B 315 -5.52 11.37 11.13
CA TYR B 315 -6.80 11.39 11.83
C TYR B 315 -7.85 12.20 11.08
N HIS B 316 -7.45 13.07 10.15
CA HIS B 316 -8.42 13.76 9.31
C HIS B 316 -9.17 12.80 8.40
N LEU B 317 -8.60 11.62 8.13
CA LEU B 317 -9.20 10.64 7.25
C LEU B 317 -10.04 9.60 8.00
N LEU B 318 -10.00 9.60 9.33
CA LEU B 318 -10.76 8.64 10.10
C LEU B 318 -12.10 9.24 10.50
N PRO B 319 -13.10 8.40 10.78
CA PRO B 319 -14.38 8.92 11.27
C PRO B 319 -14.22 9.63 12.60
N VAL B 320 -15.09 10.62 12.83
CA VAL B 320 -14.95 11.50 13.99
C VAL B 320 -14.95 10.71 15.29
N GLU B 321 -15.66 9.58 15.34
CA GLU B 321 -15.69 8.78 16.55
C GLU B 321 -14.31 8.22 16.89
N LYS B 322 -13.56 7.79 15.87
CA LYS B 322 -12.25 7.19 16.06
C LYS B 322 -11.10 8.19 16.03
N GLN B 323 -11.37 9.47 15.73
CA GLN B 323 -10.30 10.44 15.55
C GLN B 323 -9.52 10.68 16.84
N GLU B 324 -10.23 10.90 17.95
CA GLU B 324 -9.54 11.19 19.20
C GLU B 324 -8.78 9.96 19.71
N ALA B 325 -9.37 8.77 19.55
CA ALA B 325 -8.66 7.56 19.92
C ALA B 325 -7.39 7.39 19.09
N PHE B 326 -7.46 7.73 17.80
CA PHE B 326 -6.27 7.62 16.96
C PHE B 326 -5.22 8.68 17.32
N LYS B 327 -5.65 9.88 17.70
CA LYS B 327 -4.71 10.88 18.17
C LYS B 327 -4.00 10.42 19.44
N GLN B 328 -4.74 9.83 20.37
CA GLN B 328 -4.11 9.23 21.54
C GLN B 328 -3.14 8.12 21.13
N ALA B 329 -3.52 7.33 20.12
CA ALA B 329 -2.66 6.23 19.69
C ALA B 329 -1.36 6.75 19.09
N VAL B 330 -1.41 7.82 18.31
CA VAL B 330 -0.19 8.34 17.70
C VAL B 330 0.67 9.09 18.73
N THR B 331 0.04 9.73 19.71
CA THR B 331 0.82 10.28 20.82
C THR B 331 1.55 9.17 21.57
N PHE B 332 0.85 8.06 21.85
CA PHE B 332 1.46 6.90 22.46
C PHE B 332 2.59 6.34 21.60
N TYR B 333 2.39 6.35 20.28
CA TYR B 333 3.41 5.83 19.36
C TYR B 333 4.67 6.67 19.41
N SER B 334 4.52 8.01 19.33
CA SER B 334 5.67 8.89 19.44
C SER B 334 6.34 8.77 20.80
N LYS B 335 5.56 8.54 21.85
CA LYS B 335 6.16 8.40 23.19
C LYS B 335 6.95 7.11 23.30
N ALA B 336 6.46 6.02 22.69
CA ALA B 336 7.08 4.72 22.87
C ALA B 336 8.25 4.51 21.93
N VAL B 337 8.11 4.88 20.66
CA VAL B 337 9.16 4.64 19.70
C VAL B 337 10.12 5.82 19.58
N GLY B 338 9.61 7.05 19.74
CA GLY B 338 10.49 8.20 19.71
C GLY B 338 11.43 8.23 20.89
N LEU B 339 12.50 9.02 20.76
CA LEU B 339 13.56 9.13 21.74
C LEU B 339 13.64 10.57 22.22
N THR B 340 13.19 10.82 23.46
CA THR B 340 13.30 12.16 24.04
C THR B 340 14.66 12.45 24.65
N PRO B 341 15.42 11.46 25.19
CA PRO B 341 16.71 11.94 25.69
C PRO B 341 17.78 11.97 24.61
C1 NAG C . -6.26 -18.53 19.80
C2 NAG C . -6.52 -18.57 21.31
C3 NAG C . -5.45 -19.44 22.01
C4 NAG C . -5.31 -20.79 21.33
C5 NAG C . -5.08 -20.60 19.84
C6 NAG C . -5.01 -21.90 19.07
C7 NAG C . -6.77 -16.94 23.15
C8 NAG C . -6.71 -15.49 23.52
N2 NAG C . -6.51 -17.23 21.87
O3 NAG C . -5.82 -19.64 23.38
O4 NAG C . -4.20 -21.51 21.88
O5 NAG C . -6.17 -19.86 19.30
O6 NAG C . -5.43 -21.72 17.72
O7 NAG C . -7.03 -17.80 23.98
#